data_4KBG
#
_entry.id   4KBG
#
_cell.length_a   127.200
_cell.length_b   128.702
_cell.length_c   101.761
_cell.angle_alpha   90.00
_cell.angle_beta   90.00
_cell.angle_gamma   90.00
#
_symmetry.space_group_name_H-M   'C 2 2 21'
#
loop_
_entity.id
_entity.type
_entity.pdbx_description
1 polymer 'Heat resistant RNA dependent ATPase'
2 non-polymer 'SULFATE ION'
3 water water
#
_entity_poly.entity_id   1
_entity_poly.type   'polypeptide(L)'
_entity_poly.pdbx_seq_one_letter_code
;MEFKDFPLKPEILEALHGRGLTTPTPIQAAALPLALEGKDLIGQARTGTGKTLAFALPIAERLAPSQERGRKPRALVLTP
TRELALQVASELTAVAPHLKVVAVYGGTGYGKQKEALLRGADAVVATPGRALDYLRQGVLDLSRVEVAVLDEADEMLSMG
FEEEVEALLSATPPSRQTLLFSATLPSWAKRLAERYMKNPVLINVIKDEPVTYEEEAVPAPVRGRLEVLSDLLYVASPDR
AMVFTRTKAETEEIAQGLLRLGHPAQALHGDLSQGERERVLGAFRQGEVRVLVATDVAARGLDIPQVDLVVHYRLPDRAE
AYQHRSGRTGRAGRGGRVVLLYGPRERRDVEALERAVGRRFKRVN
;
_entity_poly.pdbx_strand_id   A,B
#
loop_
_chem_comp.id
_chem_comp.type
_chem_comp.name
_chem_comp.formula
SO4 non-polymer 'SULFATE ION' 'O4 S -2'
#
# COMPACT_ATOMS: atom_id res chain seq x y z
N MET A 1 1.03 -13.82 -13.13
CA MET A 1 2.26 -14.49 -13.47
C MET A 1 2.15 -15.93 -13.02
N GLU A 2 2.94 -16.81 -13.62
CA GLU A 2 3.01 -18.19 -13.17
C GLU A 2 4.01 -18.36 -12.03
N PHE A 3 3.91 -19.47 -11.29
CA PHE A 3 4.82 -19.77 -10.19
C PHE A 3 6.28 -19.62 -10.59
N LYS A 4 6.61 -20.01 -11.82
CA LYS A 4 7.99 -19.94 -12.29
C LYS A 4 8.54 -18.51 -12.35
N ASP A 5 7.63 -17.52 -12.35
CA ASP A 5 8.01 -16.11 -12.45
C ASP A 5 8.33 -15.50 -11.10
N PHE A 6 7.85 -16.12 -10.03
CA PHE A 6 8.16 -15.67 -8.67
C PHE A 6 9.53 -16.19 -8.29
N PRO A 7 10.21 -15.52 -7.34
CA PRO A 7 11.54 -15.96 -6.88
C PRO A 7 11.50 -17.15 -5.90
N LEU A 8 11.22 -18.34 -6.42
CA LEU A 8 11.18 -19.57 -5.63
C LEU A 8 12.37 -20.46 -5.94
N LYS A 9 12.89 -21.13 -4.91
CA LYS A 9 13.98 -22.10 -5.07
C LYS A 9 13.63 -23.09 -6.17
N PRO A 10 14.62 -23.48 -6.99
CA PRO A 10 14.39 -24.44 -8.09
C PRO A 10 13.68 -25.71 -7.63
N GLU A 11 14.12 -26.28 -6.50
CA GLU A 11 13.54 -27.50 -5.95
C GLU A 11 12.04 -27.38 -5.64
N ILE A 12 11.60 -26.18 -5.27
CA ILE A 12 10.20 -25.96 -4.94
C ILE A 12 9.37 -25.92 -6.22
N LEU A 13 9.93 -25.27 -7.24
CA LEU A 13 9.29 -25.21 -8.55
C LEU A 13 9.13 -26.60 -9.17
N GLU A 14 10.21 -27.39 -9.12
CA GLU A 14 10.20 -28.79 -9.53
C GLU A 14 9.01 -29.52 -8.92
N ALA A 15 8.84 -29.35 -7.61
CA ALA A 15 7.75 -29.98 -6.86
C ALA A 15 6.36 -29.54 -7.35
N LEU A 16 6.20 -28.24 -7.62
CA LEU A 16 4.92 -27.71 -8.10
C LEU A 16 4.55 -28.26 -9.48
N HIS A 17 5.51 -28.22 -10.40
CA HIS A 17 5.21 -28.55 -11.79
C HIS A 17 4.91 -30.03 -11.91
N GLY A 18 5.55 -30.83 -11.05
CA GLY A 18 5.28 -32.26 -11.00
C GLY A 18 3.85 -32.64 -10.63
N ARG A 19 3.13 -31.73 -9.98
CA ARG A 19 1.73 -31.97 -9.63
C ARG A 19 0.79 -31.12 -10.49
N GLY A 20 1.31 -30.61 -11.60
CA GLY A 20 0.50 -29.81 -12.51
C GLY A 20 0.06 -28.45 -11.99
N LEU A 21 0.71 -27.96 -10.95
CA LEU A 21 0.44 -26.61 -10.47
C LEU A 21 1.36 -25.60 -11.14
N THR A 22 0.79 -24.72 -11.96
CA THR A 22 1.61 -23.78 -12.74
C THR A 22 1.27 -22.30 -12.50
N THR A 23 0.01 -22.01 -12.15
CA THR A 23 -0.44 -20.64 -12.01
C THR A 23 -1.14 -20.41 -10.69
N PRO A 24 -0.65 -19.46 -9.89
CA PRO A 24 -1.27 -19.12 -8.60
C PRO A 24 -2.73 -18.72 -8.73
N THR A 25 -3.52 -19.12 -7.74
CA THR A 25 -4.89 -18.67 -7.54
C THR A 25 -4.89 -17.21 -7.04
N PRO A 26 -6.08 -16.57 -6.98
CA PRO A 26 -6.11 -15.19 -6.47
C PRO A 26 -5.45 -14.99 -5.10
N ILE A 27 -5.80 -15.79 -4.10
CA ILE A 27 -5.20 -15.61 -2.77
C ILE A 27 -3.67 -15.78 -2.78
N GLN A 28 -3.16 -16.62 -3.66
CA GLN A 28 -1.74 -16.88 -3.69
C GLN A 28 -0.99 -15.76 -4.39
N ALA A 29 -1.58 -15.21 -5.45
CA ALA A 29 -0.93 -14.18 -6.26
C ALA A 29 -0.80 -12.88 -5.46
N ALA A 30 -1.84 -12.54 -4.73
CA ALA A 30 -1.79 -11.38 -3.84
C ALA A 30 -0.89 -11.61 -2.62
N ALA A 31 -0.91 -12.81 -2.04
CA ALA A 31 -0.17 -13.06 -0.79
C ALA A 31 1.32 -13.30 -0.97
N LEU A 32 1.70 -14.11 -1.95
CA LEU A 32 3.11 -14.51 -2.11
C LEU A 32 4.17 -13.40 -2.04
N PRO A 33 4.01 -12.31 -2.81
CA PRO A 33 5.07 -11.29 -2.82
C PRO A 33 5.29 -10.73 -1.43
N LEU A 34 4.20 -10.59 -0.68
CA LEU A 34 4.28 -10.09 0.68
C LEU A 34 4.91 -11.11 1.59
N ALA A 35 4.40 -12.33 1.53
CA ALA A 35 4.81 -13.38 2.45
C ALA A 35 6.26 -13.79 2.21
N LEU A 36 6.67 -13.80 0.94
CA LEU A 36 8.02 -14.20 0.60
C LEU A 36 9.05 -13.26 1.19
N GLU A 37 8.67 -12.01 1.45
CA GLU A 37 9.62 -11.03 1.97
C GLU A 37 9.44 -10.73 3.47
N GLY A 38 8.69 -11.60 4.15
CA GLY A 38 8.61 -11.59 5.60
C GLY A 38 7.49 -10.81 6.28
N LYS A 39 6.56 -10.26 5.50
CA LYS A 39 5.49 -9.44 6.07
C LYS A 39 4.30 -10.23 6.64
N ASP A 40 3.76 -9.76 7.76
CA ASP A 40 2.54 -10.31 8.34
C ASP A 40 1.33 -10.07 7.42
N LEU A 41 0.45 -11.07 7.27
CA LEU A 41 -0.76 -10.97 6.44
C LEU A 41 -1.97 -11.51 7.15
N ILE A 42 -3.13 -10.94 6.87
CA ILE A 42 -4.38 -11.62 7.15
C ILE A 42 -4.98 -12.02 5.81
N GLY A 43 -5.35 -13.30 5.68
CA GLY A 43 -5.91 -13.83 4.46
C GLY A 43 -7.33 -14.32 4.66
N GLN A 44 -8.29 -13.68 4.00
CA GLN A 44 -9.66 -14.14 3.99
C GLN A 44 -9.94 -14.86 2.69
N ALA A 45 -10.22 -16.16 2.79
CA ALA A 45 -10.46 -16.99 1.62
C ALA A 45 -11.19 -18.24 2.06
N ARG A 46 -12.10 -18.72 1.23
CA ARG A 46 -12.79 -19.97 1.52
C ARG A 46 -11.88 -21.16 1.30
N THR A 47 -12.30 -22.29 1.84
CA THR A 47 -11.64 -23.56 1.58
C THR A 47 -11.71 -23.86 0.09
N GLY A 48 -10.63 -24.39 -0.47
CA GLY A 48 -10.65 -24.83 -1.85
C GLY A 48 -10.15 -23.80 -2.84
N THR A 49 -9.66 -22.68 -2.33
CA THR A 49 -9.23 -21.60 -3.19
C THR A 49 -7.72 -21.36 -3.08
N GLY A 50 -7.02 -22.35 -2.51
CA GLY A 50 -5.57 -22.36 -2.53
C GLY A 50 -4.90 -21.68 -1.36
N LYS A 51 -5.65 -21.44 -0.28
CA LYS A 51 -5.07 -20.84 0.92
C LYS A 51 -3.85 -21.62 1.48
N THR A 52 -3.86 -22.94 1.35
CA THR A 52 -2.78 -23.77 1.93
C THR A 52 -1.40 -23.43 1.35
N LEU A 53 -1.28 -23.43 0.03
CA LEU A 53 -0.03 -23.05 -0.62
C LEU A 53 0.37 -21.60 -0.36
N ALA A 54 -0.61 -20.75 -0.03
CA ALA A 54 -0.29 -19.35 0.24
C ALA A 54 0.60 -19.21 1.46
N PHE A 55 0.59 -20.21 2.35
CA PHE A 55 1.55 -20.21 3.47
C PHE A 55 2.60 -21.33 3.40
N ALA A 56 2.29 -22.44 2.72
CA ALA A 56 3.25 -23.53 2.58
C ALA A 56 4.49 -23.08 1.80
N LEU A 57 4.27 -22.47 0.63
CA LEU A 57 5.35 -21.90 -0.18
C LEU A 57 6.27 -20.91 0.58
N PRO A 58 5.70 -19.86 1.22
CA PRO A 58 6.59 -19.00 1.99
C PRO A 58 7.40 -19.77 3.05
N ILE A 59 6.81 -20.74 3.73
CA ILE A 59 7.58 -21.56 4.67
C ILE A 59 8.70 -22.29 3.94
N ALA A 60 8.37 -22.94 2.83
CA ALA A 60 9.38 -23.64 2.03
C ALA A 60 10.53 -22.70 1.61
N GLU A 61 10.18 -21.48 1.20
CA GLU A 61 11.19 -20.54 0.73
C GLU A 61 12.13 -19.99 1.84
N ARG A 62 11.55 -19.63 2.99
CA ARG A 62 12.32 -19.02 4.08
C ARG A 62 13.27 -19.95 4.84
N LEU A 63 12.84 -21.18 5.10
CA LEU A 63 13.64 -22.12 5.91
C LEU A 63 14.65 -22.92 5.09
N ALA A 64 15.92 -22.82 5.46
CA ALA A 64 16.94 -23.70 4.89
C ALA A 64 16.88 -25.09 5.57
N PRO A 65 17.31 -26.16 4.86
CA PRO A 65 17.40 -27.46 5.53
C PRO A 65 18.35 -27.37 6.71
N SER A 66 18.19 -28.25 7.70
CA SER A 66 19.16 -28.36 8.78
C SER A 66 19.42 -29.81 9.10
N GLN A 67 20.62 -30.12 9.57
CA GLN A 67 21.01 -31.48 9.89
C GLN A 67 21.22 -31.68 11.38
N GLU A 68 20.82 -30.71 12.20
CA GLU A 68 21.07 -30.74 13.64
C GLU A 68 20.12 -31.68 14.37
N ARG A 69 20.66 -32.69 15.02
CA ARG A 69 19.81 -33.64 15.74
C ARG A 69 19.15 -32.97 16.95
N GLY A 70 17.85 -33.20 17.13
CA GLY A 70 17.12 -32.59 18.23
C GLY A 70 16.74 -31.12 18.05
N ARG A 71 16.93 -30.60 16.85
CA ARG A 71 16.62 -29.19 16.58
C ARG A 71 15.17 -28.83 16.86
N LYS A 72 14.96 -27.59 17.30
CA LYS A 72 13.64 -27.02 17.56
C LYS A 72 13.02 -26.61 16.24
N PRO A 73 11.69 -26.73 16.12
CA PRO A 73 11.03 -26.34 14.86
C PRO A 73 11.18 -24.84 14.58
N ARG A 74 11.28 -24.47 13.31
CA ARG A 74 11.35 -23.05 12.94
C ARG A 74 10.04 -22.52 12.32
N ALA A 75 9.08 -23.40 12.09
CA ALA A 75 7.75 -22.95 11.64
C ALA A 75 6.65 -23.72 12.36
N LEU A 76 5.59 -23.02 12.74
CA LEU A 76 4.48 -23.64 13.45
C LEU A 76 3.21 -23.40 12.66
N VAL A 77 2.47 -24.45 12.31
CA VAL A 77 1.15 -24.25 11.73
C VAL A 77 0.06 -24.85 12.63
N LEU A 78 -0.92 -24.03 12.99
CA LEU A 78 -2.01 -24.50 13.83
C LEU A 78 -3.27 -24.67 12.99
N THR A 79 -3.90 -25.83 13.11
CA THR A 79 -5.16 -26.13 12.41
C THR A 79 -6.22 -26.59 13.39
N PRO A 80 -7.51 -26.38 13.07
CA PRO A 80 -8.55 -26.73 14.04
C PRO A 80 -8.88 -28.24 14.15
N THR A 81 -8.48 -29.08 13.18
CA THR A 81 -8.79 -30.51 13.25
C THR A 81 -7.62 -31.43 12.90
N ARG A 82 -7.66 -32.65 13.43
CA ARG A 82 -6.68 -33.71 13.17
C ARG A 82 -6.63 -33.98 11.67
N GLU A 83 -7.81 -34.01 11.05
CA GLU A 83 -7.97 -34.17 9.60
C GLU A 83 -7.22 -33.08 8.81
N LEU A 84 -7.41 -31.81 9.19
CA LEU A 84 -6.78 -30.69 8.47
C LEU A 84 -5.27 -30.64 8.74
N ALA A 85 -4.87 -30.92 9.98
CA ALA A 85 -3.43 -31.02 10.26
C ALA A 85 -2.72 -32.04 9.38
N LEU A 86 -3.38 -33.18 9.10
CA LEU A 86 -2.74 -34.20 8.29
C LEU A 86 -2.71 -33.81 6.81
N GLN A 87 -3.79 -33.21 6.30
CA GLN A 87 -3.81 -32.65 4.95
C GLN A 87 -2.71 -31.60 4.76
N VAL A 88 -2.70 -30.59 5.63
CA VAL A 88 -1.71 -29.52 5.57
C VAL A 88 -0.27 -30.06 5.69
N ALA A 89 -0.06 -31.00 6.60
CA ALA A 89 1.28 -31.57 6.77
C ALA A 89 1.73 -32.30 5.52
N SER A 90 0.77 -32.91 4.83
CA SER A 90 1.06 -33.66 3.62
C SER A 90 1.46 -32.73 2.46
N GLU A 91 0.70 -31.66 2.30
CA GLU A 91 0.97 -30.60 1.32
C GLU A 91 2.31 -29.88 1.56
N LEU A 92 2.57 -29.53 2.82
CA LEU A 92 3.80 -28.83 3.15
C LEU A 92 4.98 -29.75 2.85
N THR A 93 4.86 -31.02 3.22
CA THR A 93 5.87 -32.03 2.88
C THR A 93 6.14 -32.13 1.38
N ALA A 94 5.08 -32.02 0.58
CA ALA A 94 5.25 -32.05 -0.88
C ALA A 94 6.03 -30.83 -1.42
N VAL A 95 5.62 -29.62 -1.03
CA VAL A 95 6.28 -28.43 -1.59
C VAL A 95 7.61 -28.06 -0.92
N ALA A 96 7.90 -28.66 0.23
CA ALA A 96 9.11 -28.37 0.99
C ALA A 96 9.91 -29.63 1.32
N PRO A 97 10.40 -30.31 0.27
CA PRO A 97 11.03 -31.62 0.46
C PRO A 97 12.33 -31.54 1.27
N HIS A 98 12.88 -30.34 1.42
CA HIS A 98 14.15 -30.14 2.12
C HIS A 98 13.92 -30.00 3.63
N LEU A 99 12.65 -30.01 4.06
CA LEU A 99 12.29 -29.85 5.46
C LEU A 99 11.69 -31.10 6.11
N LYS A 100 11.95 -31.29 7.40
CA LYS A 100 11.28 -32.34 8.14
C LYS A 100 10.01 -31.80 8.76
N VAL A 101 8.87 -32.29 8.27
CA VAL A 101 7.57 -31.87 8.78
C VAL A 101 6.97 -32.90 9.76
N VAL A 102 6.42 -32.43 10.87
CA VAL A 102 5.86 -33.32 11.87
C VAL A 102 4.44 -32.90 12.25
N ALA A 103 3.47 -33.76 11.97
CA ALA A 103 2.09 -33.50 12.38
C ALA A 103 1.86 -33.94 13.82
N VAL A 104 1.00 -33.21 14.52
CA VAL A 104 0.84 -33.37 15.93
C VAL A 104 -0.62 -33.15 16.19
N TYR A 105 -1.28 -34.12 16.80
CA TYR A 105 -2.72 -34.05 16.98
C TYR A 105 -3.21 -35.05 17.99
N GLY A 106 -4.39 -34.77 18.56
CA GLY A 106 -5.08 -35.69 19.44
C GLY A 106 -5.74 -36.84 18.69
N GLY A 107 -6.39 -37.73 19.44
CA GLY A 107 -7.07 -38.87 18.87
C GLY A 107 -6.18 -40.09 18.69
N THR A 108 -4.96 -40.01 19.19
CA THR A 108 -4.02 -41.12 19.16
C THR A 108 -3.08 -41.07 20.37
N GLY A 109 -2.08 -41.94 20.40
CA GLY A 109 -1.13 -41.96 21.49
C GLY A 109 -0.10 -40.84 21.45
N TYR A 110 0.66 -40.68 22.53
CA TYR A 110 1.65 -39.61 22.63
C TYR A 110 3.02 -40.03 22.10
N GLY A 111 3.20 -41.33 21.93
CA GLY A 111 4.52 -41.89 21.72
C GLY A 111 5.17 -41.58 20.40
N LYS A 112 4.49 -41.90 19.29
CA LYS A 112 5.07 -41.66 17.98
C LYS A 112 5.39 -40.18 17.73
N GLN A 113 4.43 -39.30 18.02
CA GLN A 113 4.65 -37.86 17.82
C GLN A 113 5.80 -37.29 18.68
N LYS A 114 5.91 -37.74 19.94
CA LYS A 114 7.01 -37.32 20.81
C LYS A 114 8.41 -37.80 20.35
N GLU A 115 8.49 -38.96 19.70
CA GLU A 115 9.79 -39.42 19.22
C GLU A 115 10.24 -38.54 18.05
N ALA A 116 9.30 -38.21 17.18
CA ALA A 116 9.61 -37.37 16.03
C ALA A 116 10.16 -36.02 16.48
N LEU A 117 9.48 -35.38 17.43
CA LEU A 117 9.88 -34.08 17.92
C LEU A 117 11.29 -34.14 18.52
N LEU A 118 11.49 -35.06 19.45
CA LEU A 118 12.78 -35.17 20.12
C LEU A 118 13.92 -35.49 19.14
N ARG A 119 13.61 -36.19 18.06
CA ARG A 119 14.62 -36.51 17.07
C ARG A 119 15.02 -35.26 16.29
N GLY A 120 14.04 -34.36 16.07
CA GLY A 120 14.26 -33.10 15.38
C GLY A 120 13.09 -32.74 14.47
N ALA A 121 12.74 -31.46 14.40
CA ALA A 121 11.65 -31.01 13.53
C ALA A 121 11.94 -29.62 12.96
N ASP A 122 11.63 -29.43 11.68
CA ASP A 122 11.81 -28.15 11.01
C ASP A 122 10.51 -27.37 10.97
N ALA A 123 9.40 -28.09 10.85
CA ALA A 123 8.09 -27.47 10.84
C ALA A 123 7.08 -28.38 11.52
N VAL A 124 6.18 -27.81 12.31
CA VAL A 124 5.22 -28.59 13.05
C VAL A 124 3.83 -28.12 12.67
N VAL A 125 2.99 -29.07 12.25
CA VAL A 125 1.60 -28.77 11.93
C VAL A 125 0.79 -29.46 13.00
N ALA A 126 -0.12 -28.74 13.64
CA ALA A 126 -0.64 -29.21 14.91
C ALA A 126 -2.00 -28.66 15.22
N THR A 127 -2.79 -29.43 15.96
CA THR A 127 -4.01 -28.90 16.55
C THR A 127 -3.63 -28.29 17.92
N PRO A 128 -4.38 -27.28 18.37
CA PRO A 128 -3.90 -26.49 19.51
C PRO A 128 -3.75 -27.28 20.83
N GLY A 129 -4.74 -28.11 21.15
CA GLY A 129 -4.70 -28.94 22.34
C GLY A 129 -3.46 -29.82 22.46
N ARG A 130 -3.12 -30.51 21.39
CA ARG A 130 -2.01 -31.45 21.48
C ARG A 130 -0.70 -30.69 21.51
N ALA A 131 -0.65 -29.55 20.81
CA ALA A 131 0.57 -28.71 20.85
C ALA A 131 0.89 -28.15 22.25
N LEU A 132 -0.15 -27.77 22.99
CA LEU A 132 0.03 -27.17 24.30
C LEU A 132 0.61 -28.22 25.23
N ASP A 133 -0.05 -29.37 25.21
CA ASP A 133 0.39 -30.59 25.84
C ASP A 133 1.90 -30.82 25.74
N TYR A 134 2.41 -30.90 24.52
CA TYR A 134 3.83 -31.14 24.32
C TYR A 134 4.68 -29.94 24.76
N LEU A 135 4.13 -28.74 24.65
CA LEU A 135 4.81 -27.55 25.14
C LEU A 135 4.98 -27.64 26.68
N ARG A 136 3.88 -27.94 27.35
CA ARG A 136 3.82 -28.06 28.79
C ARG A 136 4.74 -29.19 29.32
N GLN A 137 5.00 -30.20 28.48
CA GLN A 137 5.83 -31.33 28.87
C GLN A 137 7.30 -31.06 28.58
N GLY A 138 7.57 -29.90 27.99
CA GLY A 138 8.92 -29.54 27.61
C GLY A 138 9.39 -30.31 26.38
N VAL A 139 8.45 -30.92 25.66
CA VAL A 139 8.78 -31.74 24.49
C VAL A 139 8.82 -30.90 23.21
N LEU A 140 7.81 -30.04 23.05
CA LEU A 140 7.74 -29.09 21.93
C LEU A 140 8.28 -27.73 22.34
N ASP A 141 9.38 -27.33 21.70
CA ASP A 141 10.02 -26.06 22.00
C ASP A 141 9.75 -25.03 20.89
N LEU A 142 9.10 -23.94 21.26
CA LEU A 142 8.64 -22.95 20.30
C LEU A 142 9.52 -21.69 20.25
N SER A 143 10.69 -21.76 20.85
CA SER A 143 11.53 -20.56 20.97
C SER A 143 12.32 -20.18 19.71
N ARG A 144 12.31 -21.02 18.68
CA ARG A 144 13.05 -20.68 17.48
C ARG A 144 12.12 -20.46 16.30
N VAL A 145 10.82 -20.44 16.60
CA VAL A 145 9.80 -20.32 15.56
C VAL A 145 9.90 -19.00 14.81
N GLU A 146 10.12 -19.09 13.50
CA GLU A 146 10.32 -17.92 12.64
C GLU A 146 9.04 -17.56 11.87
N VAL A 147 8.16 -18.54 11.71
CA VAL A 147 6.89 -18.32 11.03
C VAL A 147 5.76 -19.02 11.77
N ALA A 148 4.72 -18.28 12.10
CA ALA A 148 3.58 -18.86 12.77
C ALA A 148 2.36 -18.70 11.90
N VAL A 149 1.60 -19.78 11.71
CA VAL A 149 0.39 -19.74 10.89
C VAL A 149 -0.85 -20.22 11.61
N LEU A 150 -1.89 -19.40 11.65
CA LEU A 150 -3.20 -19.82 12.14
C LEU A 150 -4.10 -20.16 10.98
N ASP A 151 -4.36 -21.46 10.76
CA ASP A 151 -5.17 -21.88 9.61
C ASP A 151 -6.63 -22.13 9.99
N GLU A 152 -7.53 -21.36 9.40
CA GLU A 152 -8.94 -21.34 9.80
C GLU A 152 -9.07 -20.92 11.26
N ALA A 153 -8.80 -19.64 11.51
CA ALA A 153 -8.85 -19.04 12.83
C ALA A 153 -10.27 -19.03 13.40
N ASP A 154 -11.26 -18.71 12.56
CA ASP A 154 -12.64 -18.67 13.02
C ASP A 154 -13.16 -20.04 13.45
N GLU A 155 -12.60 -21.08 12.84
CA GLU A 155 -12.93 -22.45 13.21
C GLU A 155 -12.34 -22.88 14.54
N MET A 156 -11.10 -22.45 14.81
CA MET A 156 -10.47 -22.71 16.10
C MET A 156 -11.25 -22.03 17.23
N LEU A 157 -11.79 -20.86 16.94
CA LEU A 157 -12.69 -20.19 17.87
C LEU A 157 -13.91 -21.06 18.11
N SER A 158 -14.47 -21.58 17.03
CA SER A 158 -15.63 -22.49 17.05
C SER A 158 -15.39 -23.82 17.80
N MET A 159 -14.17 -24.36 17.71
CA MET A 159 -13.83 -25.60 18.40
C MET A 159 -13.51 -25.39 19.88
N GLY A 160 -13.33 -24.14 20.29
CA GLY A 160 -13.04 -23.81 21.67
C GLY A 160 -11.56 -23.85 22.05
N PHE A 161 -10.70 -23.49 21.09
CA PHE A 161 -9.26 -23.56 21.25
C PHE A 161 -8.61 -22.20 21.55
N GLU A 162 -9.39 -21.17 21.86
CA GLU A 162 -8.82 -19.83 21.94
C GLU A 162 -7.76 -19.65 23.01
N GLU A 163 -8.02 -20.12 24.24
CA GLU A 163 -7.00 -20.04 25.29
C GLU A 163 -5.70 -20.74 24.90
N GLU A 164 -5.82 -21.87 24.22
CA GLU A 164 -4.68 -22.69 23.82
C GLU A 164 -3.87 -22.03 22.69
N VAL A 165 -4.57 -21.50 21.68
CA VAL A 165 -3.94 -20.78 20.57
C VAL A 165 -3.15 -19.54 21.04
N GLU A 166 -3.76 -18.73 21.90
CA GLU A 166 -3.05 -17.59 22.50
C GLU A 166 -1.79 -17.97 23.27
N ALA A 167 -1.86 -19.04 24.06
CA ALA A 167 -0.69 -19.53 24.80
C ALA A 167 0.42 -19.94 23.84
N LEU A 168 0.07 -20.66 22.79
CA LEU A 168 1.05 -21.13 21.83
C LEU A 168 1.73 -19.95 21.11
N LEU A 169 0.95 -18.91 20.77
CA LEU A 169 1.49 -17.74 20.06
C LEU A 169 2.41 -16.95 20.99
N SER A 170 1.96 -16.78 22.23
CA SER A 170 2.75 -16.10 23.24
C SER A 170 4.14 -16.70 23.37
N ALA A 171 4.23 -18.02 23.18
CA ALA A 171 5.46 -18.75 23.44
C ALA A 171 6.50 -18.53 22.35
N THR A 172 6.01 -18.26 21.15
CA THR A 172 6.89 -17.93 20.03
C THR A 172 7.53 -16.56 20.26
N PRO A 173 8.73 -16.35 19.72
CA PRO A 173 9.36 -15.03 19.82
C PRO A 173 8.67 -13.97 18.92
N PRO A 174 8.57 -12.71 19.41
CA PRO A 174 7.90 -11.62 18.68
C PRO A 174 8.58 -11.33 17.33
N SER A 175 9.82 -11.79 17.19
CA SER A 175 10.57 -11.66 15.94
C SER A 175 9.93 -12.46 14.81
N ARG A 176 8.91 -13.25 15.14
CA ARG A 176 8.26 -14.14 14.17
C ARG A 176 7.52 -13.38 13.07
N GLN A 177 7.33 -14.05 11.93
CA GLN A 177 6.39 -13.59 10.91
C GLN A 177 5.07 -14.31 11.20
N THR A 178 3.95 -13.60 11.16
CA THR A 178 2.67 -14.20 11.46
C THR A 178 1.69 -14.12 10.30
N LEU A 179 1.03 -15.24 10.00
CA LEU A 179 0.03 -15.35 8.93
C LEU A 179 -1.30 -15.90 9.45
N LEU A 180 -2.32 -15.06 9.48
CA LEU A 180 -3.64 -15.48 9.95
C LEU A 180 -4.58 -15.68 8.76
N PHE A 181 -5.04 -16.90 8.56
CA PHE A 181 -6.03 -17.20 7.53
C PHE A 181 -7.39 -17.45 8.16
N SER A 182 -8.44 -16.86 7.62
CA SER A 182 -9.77 -17.08 8.15
C SER A 182 -10.84 -16.53 7.20
N ALA A 183 -11.87 -17.33 6.94
CA ALA A 183 -12.99 -16.87 6.13
C ALA A 183 -13.71 -15.68 6.75
N THR A 184 -14.09 -15.80 8.01
CA THR A 184 -14.69 -14.68 8.71
C THR A 184 -13.69 -14.03 9.69
N LEU A 185 -13.95 -12.78 10.07
CA LEU A 185 -13.11 -12.16 11.09
C LEU A 185 -13.93 -11.76 12.29
N PRO A 186 -14.20 -12.73 13.17
CA PRO A 186 -14.92 -12.47 14.41
C PRO A 186 -14.09 -11.56 15.33
N SER A 187 -14.74 -10.98 16.34
CA SER A 187 -14.07 -10.22 17.38
C SER A 187 -12.77 -10.84 17.89
N TRP A 188 -12.75 -12.15 18.12
CA TRP A 188 -11.54 -12.77 18.64
C TRP A 188 -10.38 -12.70 17.65
N ALA A 189 -10.69 -12.87 16.37
CA ALA A 189 -9.64 -12.80 15.35
C ALA A 189 -9.01 -11.41 15.29
N LYS A 190 -9.86 -10.38 15.38
CA LYS A 190 -9.38 -9.02 15.31
C LYS A 190 -8.44 -8.73 16.48
N ARG A 191 -8.84 -9.15 17.68
CA ARG A 191 -8.06 -8.91 18.87
C ARG A 191 -6.71 -9.60 18.72
N LEU A 192 -6.75 -10.83 18.23
CA LEU A 192 -5.56 -11.63 18.01
C LEU A 192 -4.56 -10.88 17.11
N ALA A 193 -5.06 -10.32 16.02
CA ALA A 193 -4.21 -9.61 15.06
C ALA A 193 -3.57 -8.34 15.63
N GLU A 194 -4.35 -7.59 16.41
CA GLU A 194 -3.83 -6.39 17.10
C GLU A 194 -2.72 -6.75 18.08
N ARG A 195 -2.85 -7.94 18.66
CA ARG A 195 -2.01 -8.33 19.78
C ARG A 195 -0.75 -9.07 19.35
N TYR A 196 -0.83 -9.82 18.25
CA TYR A 196 0.26 -10.71 17.88
C TYR A 196 0.92 -10.36 16.55
N MET A 197 0.26 -9.57 15.73
CA MET A 197 0.80 -9.28 14.41
C MET A 197 1.34 -7.86 14.31
N LYS A 198 2.14 -7.62 13.27
CA LYS A 198 2.78 -6.33 13.04
C LYS A 198 2.29 -5.72 11.73
N ASN A 199 1.47 -4.66 11.82
CA ASN A 199 0.92 -3.96 10.66
C ASN A 199 0.50 -4.90 9.53
N PRO A 200 -0.34 -5.88 9.85
CA PRO A 200 -0.65 -6.86 8.81
C PRO A 200 -1.44 -6.28 7.65
N VAL A 201 -1.08 -6.71 6.44
CA VAL A 201 -1.86 -6.41 5.24
C VAL A 201 -3.00 -7.41 5.14
N LEU A 202 -4.23 -6.91 4.99
CA LEU A 202 -5.39 -7.78 4.83
C LEU A 202 -5.66 -8.02 3.37
N ILE A 203 -5.85 -9.30 3.02
CA ILE A 203 -6.17 -9.67 1.66
C ILE A 203 -7.46 -10.47 1.65
N ASN A 204 -8.43 -10.01 0.88
CA ASN A 204 -9.73 -10.67 0.85
C ASN A 204 -10.14 -11.03 -0.57
N VAL A 205 -10.36 -12.32 -0.82
CA VAL A 205 -10.77 -12.80 -2.13
C VAL A 205 -12.17 -13.40 -2.14
N ILE A 206 -12.95 -13.21 -1.09
CA ILE A 206 -14.31 -13.76 -1.08
C ILE A 206 -15.25 -13.01 -2.04
N LYS A 207 -16.15 -13.75 -2.68
CA LYS A 207 -17.10 -13.20 -3.65
C LYS A 207 -18.19 -12.35 -2.98
N MET B 1 10.14 -8.62 -3.26
CA MET B 1 10.78 -8.87 -4.55
C MET B 1 11.36 -7.58 -5.09
N GLU B 2 12.11 -7.69 -6.18
CA GLU B 2 12.62 -6.53 -6.90
C GLU B 2 11.66 -6.26 -8.04
N PHE B 3 11.73 -5.06 -8.61
CA PHE B 3 10.90 -4.78 -9.77
C PHE B 3 11.35 -5.66 -10.93
N LYS B 4 12.64 -5.97 -10.97
CA LYS B 4 13.21 -6.82 -12.01
C LYS B 4 12.63 -8.23 -11.97
N ASP B 5 12.01 -8.58 -10.84
CA ASP B 5 11.46 -9.92 -10.64
C ASP B 5 10.02 -10.03 -11.16
N PHE B 6 9.56 -9.02 -11.87
CA PHE B 6 8.21 -9.02 -12.43
C PHE B 6 8.26 -9.02 -13.95
N PRO B 7 7.22 -9.57 -14.59
CA PRO B 7 7.10 -9.56 -16.06
C PRO B 7 6.79 -8.16 -16.63
N LEU B 8 7.78 -7.27 -16.58
CA LEU B 8 7.64 -5.91 -17.10
C LEU B 8 8.55 -5.73 -18.32
N LYS B 9 8.12 -4.90 -19.28
CA LYS B 9 8.95 -4.57 -20.45
C LYS B 9 10.23 -3.89 -19.98
N PRO B 10 11.37 -4.24 -20.61
CA PRO B 10 12.70 -3.70 -20.27
C PRO B 10 12.77 -2.19 -20.00
N GLU B 11 12.13 -1.37 -20.85
CA GLU B 11 12.21 0.08 -20.74
C GLU B 11 11.40 0.68 -19.58
N ILE B 12 10.46 -0.10 -19.06
CA ILE B 12 9.71 0.31 -17.88
C ILE B 12 10.57 0.05 -16.64
N LEU B 13 11.32 -1.05 -16.69
CA LEU B 13 12.29 -1.35 -15.66
C LEU B 13 13.35 -0.28 -15.69
N GLU B 14 13.81 0.01 -16.91
CA GLU B 14 14.85 0.98 -17.15
C GLU B 14 14.44 2.35 -16.60
N ALA B 15 13.19 2.73 -16.88
CA ALA B 15 12.64 3.99 -16.37
C ALA B 15 12.61 4.02 -14.84
N LEU B 16 12.25 2.88 -14.25
CA LEU B 16 12.14 2.73 -12.79
C LEU B 16 13.49 2.77 -12.10
N HIS B 17 14.44 2.02 -12.65
CA HIS B 17 15.79 2.00 -12.10
C HIS B 17 16.42 3.39 -12.19
N GLY B 18 16.05 4.13 -13.24
CA GLY B 18 16.55 5.47 -13.44
C GLY B 18 16.14 6.44 -12.34
N ARG B 19 14.90 6.33 -11.87
CA ARG B 19 14.42 7.19 -10.79
C ARG B 19 14.88 6.67 -9.43
N GLY B 20 15.62 5.57 -9.41
CA GLY B 20 16.07 4.96 -8.17
C GLY B 20 14.99 4.12 -7.50
N LEU B 21 14.19 3.44 -8.31
CA LEU B 21 13.13 2.59 -7.79
C LEU B 21 13.42 1.13 -8.11
N THR B 22 13.52 0.33 -7.06
CA THR B 22 13.95 -1.05 -7.22
C THR B 22 13.09 -2.04 -6.44
N THR B 23 12.53 -1.60 -5.31
CA THR B 23 11.70 -2.49 -4.51
C THR B 23 10.31 -1.91 -4.30
N PRO B 24 9.27 -2.70 -4.60
CA PRO B 24 7.87 -2.28 -4.43
C PRO B 24 7.48 -2.07 -2.95
N THR B 25 6.61 -1.10 -2.70
CA THR B 25 5.99 -0.92 -1.40
C THR B 25 4.97 -2.04 -1.23
N PRO B 26 4.46 -2.25 0.00
CA PRO B 26 3.46 -3.31 0.15
C PRO B 26 2.28 -3.25 -0.82
N ILE B 27 1.59 -2.11 -0.95
CA ILE B 27 0.45 -2.04 -1.87
C ILE B 27 0.83 -2.39 -3.31
N GLN B 28 2.06 -2.09 -3.69
CA GLN B 28 2.54 -2.41 -5.02
C GLN B 28 2.81 -3.89 -5.16
N ALA B 29 3.49 -4.46 -4.18
CA ALA B 29 3.83 -5.88 -4.19
C ALA B 29 2.59 -6.77 -4.28
N ALA B 30 1.58 -6.49 -3.47
CA ALA B 30 0.39 -7.32 -3.44
C ALA B 30 -0.42 -7.18 -4.72
N ALA B 31 -0.52 -5.95 -5.20
CA ALA B 31 -1.41 -5.64 -6.33
C ALA B 31 -0.87 -6.05 -7.70
N LEU B 32 0.44 -5.94 -7.90
CA LEU B 32 1.02 -6.17 -9.22
C LEU B 32 0.69 -7.52 -9.88
N PRO B 33 0.83 -8.65 -9.15
CA PRO B 33 0.53 -9.93 -9.80
C PRO B 33 -0.90 -9.95 -10.36
N LEU B 34 -1.85 -9.44 -9.61
CA LEU B 34 -3.24 -9.48 -10.05
C LEU B 34 -3.61 -8.45 -11.12
N ALA B 35 -2.94 -7.30 -11.12
CA ALA B 35 -3.31 -6.22 -12.03
C ALA B 35 -2.66 -6.40 -13.40
N LEU B 36 -1.45 -6.96 -13.39
CA LEU B 36 -0.74 -7.22 -14.62
C LEU B 36 -1.48 -8.29 -15.43
N GLU B 37 -2.09 -9.25 -14.74
CA GLU B 37 -2.89 -10.25 -15.44
C GLU B 37 -4.36 -9.81 -15.61
N GLY B 38 -4.61 -8.51 -15.56
CA GLY B 38 -5.88 -7.96 -16.00
C GLY B 38 -7.07 -8.01 -15.05
N LYS B 39 -6.85 -8.42 -13.80
CA LYS B 39 -7.94 -8.58 -12.85
C LYS B 39 -8.33 -7.27 -12.13
N ASP B 40 -9.56 -7.19 -11.62
CA ASP B 40 -10.02 -6.00 -10.89
C ASP B 40 -9.55 -5.98 -9.42
N LEU B 41 -9.38 -4.79 -8.88
CA LEU B 41 -8.80 -4.61 -7.54
C LEU B 41 -9.40 -3.44 -6.78
N ILE B 42 -9.59 -3.65 -5.48
CA ILE B 42 -9.90 -2.57 -4.57
C ILE B 42 -8.71 -2.39 -3.64
N GLY B 43 -8.05 -1.24 -3.74
CA GLY B 43 -6.86 -1.00 -2.94
C GLY B 43 -7.09 0.03 -1.86
N GLN B 44 -7.24 -0.40 -0.62
CA GLN B 44 -7.33 0.53 0.51
C GLN B 44 -5.94 0.93 0.96
N ALA B 45 -5.54 2.13 0.58
CA ALA B 45 -4.23 2.67 0.89
C ALA B 45 -4.27 4.20 0.86
N ARG B 46 -3.42 4.84 1.66
CA ARG B 46 -3.36 6.29 1.70
C ARG B 46 -2.27 6.81 0.76
N THR B 47 -2.35 8.09 0.41
CA THR B 47 -1.30 8.77 -0.31
C THR B 47 -0.02 8.64 0.50
N GLY B 48 1.10 8.36 -0.17
CA GLY B 48 2.34 8.07 0.52
C GLY B 48 2.71 6.59 0.50
N THR B 49 1.73 5.70 0.34
CA THR B 49 1.98 4.25 0.31
C THR B 49 2.63 3.78 -0.99
N GLY B 50 2.63 4.64 -2.01
CA GLY B 50 3.14 4.27 -3.31
C GLY B 50 2.05 3.71 -4.24
N LYS B 51 0.79 4.03 -3.96
CA LYS B 51 -0.34 3.47 -4.70
C LYS B 51 -0.44 3.91 -6.16
N THR B 52 0.25 4.99 -6.52
CA THR B 52 0.18 5.50 -7.88
C THR B 52 0.84 4.53 -8.85
N LEU B 53 1.98 3.96 -8.47
CA LEU B 53 2.64 2.95 -9.28
C LEU B 53 1.85 1.65 -9.37
N ALA B 54 1.01 1.38 -8.38
CA ALA B 54 0.25 0.15 -8.38
C ALA B 54 -0.70 0.09 -9.59
N PHE B 55 -1.16 1.26 -10.05
CA PHE B 55 -2.01 1.32 -11.26
C PHE B 55 -1.29 1.87 -12.50
N ALA B 56 -0.26 2.70 -12.30
CA ALA B 56 0.53 3.20 -13.41
C ALA B 56 1.26 2.08 -14.14
N LEU B 57 1.87 1.19 -13.37
CA LEU B 57 2.65 0.08 -13.96
C LEU B 57 1.82 -0.84 -14.87
N PRO B 58 0.68 -1.35 -14.37
CA PRO B 58 -0.13 -2.13 -15.31
C PRO B 58 -0.56 -1.36 -16.59
N ILE B 59 -0.90 -0.09 -16.48
CA ILE B 59 -1.27 0.71 -17.64
C ILE B 59 -0.09 0.77 -18.61
N ALA B 60 1.07 1.07 -18.08
CA ALA B 60 2.29 1.11 -18.87
C ALA B 60 2.53 -0.25 -19.56
N GLU B 61 2.34 -1.33 -18.83
CA GLU B 61 2.62 -2.66 -19.36
C GLU B 61 1.57 -3.12 -20.39
N ARG B 62 0.30 -2.80 -20.13
CA ARG B 62 -0.78 -3.26 -21.00
C ARG B 62 -0.80 -2.55 -22.36
N LEU B 63 -0.67 -1.23 -22.35
CA LEU B 63 -0.82 -0.42 -23.56
C LEU B 63 0.43 -0.39 -24.43
N ALA B 64 0.24 -0.75 -25.71
CA ALA B 64 1.27 -0.61 -26.74
C ALA B 64 1.21 0.79 -27.31
N PRO B 65 2.34 1.27 -27.87
CA PRO B 65 2.37 2.62 -28.46
C PRO B 65 1.48 2.69 -29.70
N SER B 66 1.02 3.90 -30.02
CA SER B 66 0.28 4.12 -31.25
C SER B 66 0.57 5.52 -31.72
N GLN B 67 0.64 5.68 -33.03
CA GLN B 67 0.85 7.00 -33.59
C GLN B 67 -0.34 7.46 -34.46
N GLU B 68 -1.49 6.84 -34.26
CA GLU B 68 -2.71 7.24 -34.98
C GLU B 68 -3.09 8.64 -34.54
N ARG B 69 -3.10 9.57 -35.48
CA ARG B 69 -3.50 10.94 -35.21
C ARG B 69 -4.96 11.00 -34.79
N GLY B 70 -5.20 11.59 -33.62
CA GLY B 70 -6.55 11.73 -33.09
C GLY B 70 -7.08 10.49 -32.37
N ARG B 71 -6.19 9.53 -32.11
CA ARG B 71 -6.57 8.28 -31.45
C ARG B 71 -7.26 8.53 -30.11
N LYS B 72 -8.31 7.74 -29.83
CA LYS B 72 -9.03 7.79 -28.56
C LYS B 72 -8.23 7.11 -27.43
N PRO B 73 -8.30 7.68 -26.21
CA PRO B 73 -7.51 7.13 -25.09
C PRO B 73 -7.91 5.71 -24.71
N ARG B 74 -6.93 4.87 -24.34
CA ARG B 74 -7.21 3.50 -23.94
C ARG B 74 -7.13 3.30 -22.43
N ALA B 75 -6.77 4.37 -21.71
CA ALA B 75 -6.77 4.36 -20.25
C ALA B 75 -7.33 5.66 -19.65
N LEU B 76 -8.13 5.51 -18.61
CA LEU B 76 -8.73 6.64 -17.91
C LEU B 76 -8.45 6.52 -16.42
N VAL B 77 -7.93 7.59 -15.83
CA VAL B 77 -7.72 7.70 -14.39
C VAL B 77 -8.47 8.94 -13.89
N LEU B 78 -9.39 8.76 -12.95
CA LEU B 78 -10.15 9.88 -12.38
C LEU B 78 -9.59 10.24 -11.01
N THR B 79 -9.45 11.52 -10.70
CA THR B 79 -8.90 11.96 -9.42
C THR B 79 -9.75 13.09 -8.84
N PRO B 80 -9.69 13.29 -7.52
CA PRO B 80 -10.64 14.25 -6.95
C PRO B 80 -10.23 15.71 -7.14
N THR B 81 -8.95 15.98 -7.38
CA THR B 81 -8.51 17.38 -7.54
C THR B 81 -7.58 17.61 -8.72
N ARG B 82 -7.54 18.85 -9.19
CA ARG B 82 -6.63 19.26 -10.23
C ARG B 82 -5.16 19.02 -9.85
N GLU B 83 -4.82 19.33 -8.60
CA GLU B 83 -3.47 19.10 -8.09
C GLU B 83 -3.03 17.62 -8.17
N LEU B 84 -3.96 16.71 -7.89
CA LEU B 84 -3.66 15.27 -7.92
C LEU B 84 -3.53 14.75 -9.35
N ALA B 85 -4.47 15.17 -10.20
CA ALA B 85 -4.43 14.87 -11.63
C ALA B 85 -3.06 15.20 -12.21
N LEU B 86 -2.52 16.36 -11.86
CA LEU B 86 -1.22 16.77 -12.39
C LEU B 86 -0.09 15.87 -11.92
N GLN B 87 -0.12 15.50 -10.64
CA GLN B 87 0.90 14.64 -10.03
C GLN B 87 0.85 13.29 -10.73
N VAL B 88 -0.33 12.69 -10.74
CA VAL B 88 -0.54 11.37 -11.35
C VAL B 88 -0.14 11.35 -12.82
N ALA B 89 -0.52 12.40 -13.58
CA ALA B 89 -0.16 12.52 -15.00
C ALA B 89 1.35 12.61 -15.17
N SER B 90 1.98 13.35 -14.27
CA SER B 90 3.42 13.45 -14.25
C SER B 90 4.09 12.08 -14.01
N GLU B 91 3.55 11.31 -13.05
CA GLU B 91 4.09 9.99 -12.72
C GLU B 91 3.85 8.96 -13.84
N LEU B 92 2.63 8.93 -14.37
CA LEU B 92 2.28 8.02 -15.47
C LEU B 92 3.16 8.26 -16.70
N THR B 93 3.44 9.53 -16.97
CA THR B 93 4.25 9.92 -18.12
C THR B 93 5.67 9.38 -17.97
N ALA B 94 6.16 9.34 -16.74
CA ALA B 94 7.53 8.91 -16.45
C ALA B 94 7.70 7.41 -16.65
N VAL B 95 6.79 6.63 -16.07
CA VAL B 95 6.89 5.17 -16.12
C VAL B 95 6.38 4.58 -17.44
N ALA B 96 5.58 5.33 -18.19
CA ALA B 96 5.09 4.87 -19.50
C ALA B 96 5.52 5.79 -20.63
N PRO B 97 6.83 5.88 -20.87
CA PRO B 97 7.41 6.84 -21.83
C PRO B 97 6.85 6.72 -23.25
N HIS B 98 6.42 5.52 -23.63
CA HIS B 98 5.92 5.26 -24.98
C HIS B 98 4.46 5.71 -25.16
N LEU B 99 3.81 6.04 -24.04
CA LEU B 99 2.42 6.47 -24.07
C LEU B 99 2.31 7.99 -24.01
N LYS B 100 1.28 8.53 -24.66
CA LYS B 100 0.97 9.96 -24.53
C LYS B 100 -0.09 10.17 -23.46
N VAL B 101 0.31 10.80 -22.35
CA VAL B 101 -0.61 11.09 -21.27
C VAL B 101 -1.12 12.53 -21.36
N VAL B 102 -2.40 12.74 -21.06
CA VAL B 102 -2.99 14.07 -21.11
C VAL B 102 -3.79 14.34 -19.84
N ALA B 103 -3.49 15.47 -19.18
CA ALA B 103 -4.19 15.89 -17.96
C ALA B 103 -5.38 16.76 -18.30
N VAL B 104 -6.52 16.49 -17.64
CA VAL B 104 -7.76 17.18 -17.94
C VAL B 104 -8.37 17.62 -16.60
N TYR B 105 -8.65 18.92 -16.46
CA TYR B 105 -9.05 19.47 -15.16
C TYR B 105 -9.58 20.90 -15.21
N GLY B 106 -10.46 21.24 -14.28
CA GLY B 106 -11.01 22.59 -14.19
C GLY B 106 -10.07 23.61 -13.56
N GLY B 107 -10.58 24.83 -13.35
CA GLY B 107 -9.75 25.90 -12.83
C GLY B 107 -8.91 26.60 -13.87
N THR B 108 -9.18 26.30 -15.14
CA THR B 108 -8.54 26.98 -16.27
C THR B 108 -9.41 26.89 -17.52
N GLY B 109 -9.04 27.61 -18.58
CA GLY B 109 -9.80 27.60 -19.82
C GLY B 109 -9.92 26.23 -20.49
N TYR B 110 -10.82 26.13 -21.45
CA TYR B 110 -11.06 24.88 -22.18
C TYR B 110 -10.05 24.63 -23.29
N GLY B 111 -9.27 25.66 -23.66
CA GLY B 111 -8.47 25.65 -24.86
C GLY B 111 -7.33 24.65 -25.04
N LYS B 112 -6.32 24.73 -24.17
CA LYS B 112 -5.13 23.88 -24.26
C LYS B 112 -5.48 22.39 -24.18
N GLN B 113 -6.44 22.04 -23.33
CA GLN B 113 -6.81 20.64 -23.15
C GLN B 113 -7.56 20.03 -24.34
N LYS B 114 -8.55 20.76 -24.86
CA LYS B 114 -9.34 20.28 -25.97
C LYS B 114 -8.49 19.95 -27.19
N GLU B 115 -7.41 20.68 -27.41
CA GLU B 115 -6.58 20.46 -28.59
C GLU B 115 -5.55 19.38 -28.36
N ALA B 116 -5.22 19.16 -27.10
CA ALA B 116 -4.33 18.07 -26.74
C ALA B 116 -5.01 16.72 -27.01
N LEU B 117 -6.30 16.68 -26.68
CA LEU B 117 -7.11 15.49 -26.87
C LEU B 117 -7.32 15.22 -28.35
N LEU B 118 -7.57 16.27 -29.13
CA LEU B 118 -7.77 16.14 -30.56
C LEU B 118 -6.52 15.71 -31.30
N ARG B 119 -5.35 16.20 -30.88
CA ARG B 119 -4.10 15.72 -31.46
C ARG B 119 -4.00 14.19 -31.28
N GLY B 120 -4.56 13.71 -30.17
CA GLY B 120 -4.63 12.28 -29.84
C GLY B 120 -4.19 12.04 -28.42
N ALA B 121 -4.62 10.94 -27.80
CA ALA B 121 -4.14 10.55 -26.47
C ALA B 121 -4.18 9.03 -26.20
N ASP B 122 -3.20 8.55 -25.47
CA ASP B 122 -3.14 7.14 -25.08
C ASP B 122 -3.72 6.92 -23.67
N ALA B 123 -3.52 7.89 -22.78
CA ALA B 123 -4.05 7.84 -21.42
C ALA B 123 -4.57 9.21 -21.03
N VAL B 124 -5.70 9.22 -20.34
CA VAL B 124 -6.22 10.47 -19.81
C VAL B 124 -6.39 10.37 -18.29
N VAL B 125 -5.70 11.27 -17.57
CA VAL B 125 -5.88 11.50 -16.13
C VAL B 125 -6.75 12.75 -15.95
N ALA B 126 -7.95 12.61 -15.39
CA ALA B 126 -8.89 13.73 -15.29
C ALA B 126 -9.59 13.90 -13.94
N THR B 127 -10.08 15.11 -13.66
CA THR B 127 -11.09 15.30 -12.64
C THR B 127 -12.47 15.09 -13.26
N PRO B 128 -13.43 14.58 -12.49
CA PRO B 128 -14.69 14.11 -13.12
C PRO B 128 -15.59 15.19 -13.75
N GLY B 129 -15.52 16.42 -13.24
CA GLY B 129 -16.34 17.49 -13.78
C GLY B 129 -15.93 17.85 -15.20
N ARG B 130 -14.65 18.14 -15.36
CA ARG B 130 -14.02 18.49 -16.63
C ARG B 130 -14.13 17.33 -17.65
N ALA B 131 -13.90 16.10 -17.18
CA ALA B 131 -14.05 14.91 -18.03
C ALA B 131 -15.46 14.78 -18.57
N LEU B 132 -16.45 14.87 -17.68
CA LEU B 132 -17.85 14.79 -18.08
C LEU B 132 -18.21 15.91 -19.05
N ASP B 133 -17.53 17.02 -18.88
CA ASP B 133 -17.78 18.18 -19.72
C ASP B 133 -17.30 17.90 -21.15
N TYR B 134 -16.11 17.34 -21.29
CA TYR B 134 -15.58 17.02 -22.61
C TYR B 134 -16.32 15.85 -23.25
N LEU B 135 -16.87 14.97 -22.42
CA LEU B 135 -17.65 13.84 -22.90
C LEU B 135 -18.92 14.36 -23.57
N ARG B 136 -19.61 15.30 -22.91
CA ARG B 136 -20.80 15.93 -23.48
C ARG B 136 -20.49 16.64 -24.79
N GLN B 137 -19.27 17.14 -24.93
CA GLN B 137 -18.98 18.03 -26.04
C GLN B 137 -18.58 17.28 -27.30
N GLY B 138 -18.15 16.03 -27.12
CA GLY B 138 -17.75 15.19 -28.21
C GLY B 138 -16.24 15.05 -28.30
N VAL B 139 -15.55 15.81 -27.46
CA VAL B 139 -14.09 15.84 -27.43
C VAL B 139 -13.45 14.58 -26.81
N LEU B 140 -13.98 14.14 -25.68
CA LEU B 140 -13.48 12.94 -25.01
C LEU B 140 -14.32 11.74 -25.42
N ASP B 141 -13.67 10.79 -26.10
CA ASP B 141 -14.30 9.54 -26.50
C ASP B 141 -13.76 8.44 -25.60
N LEU B 142 -14.65 7.72 -24.91
CA LEU B 142 -14.23 6.71 -23.94
C LEU B 142 -14.50 5.28 -24.41
N SER B 143 -14.80 5.12 -25.69
CA SER B 143 -15.22 3.81 -26.21
C SER B 143 -14.09 2.77 -26.43
N ARG B 144 -12.84 3.18 -26.28
CA ARG B 144 -11.71 2.29 -26.42
C ARG B 144 -10.94 2.09 -25.09
N VAL B 145 -11.53 2.52 -23.98
CA VAL B 145 -10.84 2.42 -22.70
C VAL B 145 -10.71 0.98 -22.26
N GLU B 146 -9.47 0.52 -22.12
CA GLU B 146 -9.16 -0.83 -21.70
C GLU B 146 -9.01 -0.91 -20.18
N VAL B 147 -8.62 0.22 -19.57
CA VAL B 147 -8.35 0.29 -18.13
C VAL B 147 -8.86 1.57 -17.49
N ALA B 148 -9.64 1.41 -16.43
CA ALA B 148 -10.17 2.55 -15.68
C ALA B 148 -9.71 2.46 -14.22
N VAL B 149 -9.28 3.59 -13.70
CA VAL B 149 -8.80 3.70 -12.32
C VAL B 149 -9.57 4.80 -11.58
N LEU B 150 -10.25 4.47 -10.49
CA LEU B 150 -10.78 5.52 -9.64
C LEU B 150 -9.80 5.76 -8.49
N ASP B 151 -9.09 6.89 -8.54
CA ASP B 151 -8.08 7.17 -7.54
C ASP B 151 -8.64 8.04 -6.39
N GLU B 152 -8.79 7.45 -5.21
CA GLU B 152 -9.38 8.09 -4.02
C GLU B 152 -10.89 8.33 -4.17
N ALA B 153 -11.62 7.22 -4.27
CA ALA B 153 -13.07 7.26 -4.47
C ALA B 153 -13.78 7.97 -3.34
N ASP B 154 -13.23 7.90 -2.14
CA ASP B 154 -13.85 8.54 -0.99
C ASP B 154 -13.74 10.05 -1.09
N GLU B 155 -12.60 10.55 -1.57
CA GLU B 155 -12.44 11.98 -1.80
C GLU B 155 -13.40 12.44 -2.88
N MET B 156 -13.48 11.67 -3.97
CA MET B 156 -14.39 11.99 -5.06
C MET B 156 -15.82 12.06 -4.56
N LEU B 157 -16.15 11.20 -3.61
CA LEU B 157 -17.44 11.30 -2.92
C LEU B 157 -17.55 12.60 -2.09
N SER B 158 -16.48 12.95 -1.35
CA SER B 158 -16.46 14.15 -0.51
C SER B 158 -16.80 15.40 -1.31
N MET B 159 -16.09 15.56 -2.42
CA MET B 159 -16.22 16.77 -3.22
C MET B 159 -17.46 16.76 -4.09
N GLY B 160 -18.24 15.67 -4.04
CA GLY B 160 -19.54 15.62 -4.69
C GLY B 160 -19.56 15.25 -6.16
N PHE B 161 -18.63 14.39 -6.58
CA PHE B 161 -18.53 13.91 -7.96
C PHE B 161 -19.26 12.59 -8.26
N GLU B 162 -20.11 12.09 -7.36
CA GLU B 162 -20.64 10.73 -7.55
C GLU B 162 -21.36 10.55 -8.89
N GLU B 163 -22.33 11.41 -9.17
CA GLU B 163 -23.05 11.30 -10.42
C GLU B 163 -22.09 11.39 -11.61
N GLU B 164 -21.05 12.22 -11.50
CA GLU B 164 -20.08 12.38 -12.59
C GLU B 164 -19.20 11.14 -12.80
N VAL B 165 -18.74 10.55 -11.70
CA VAL B 165 -17.97 9.31 -11.74
C VAL B 165 -18.78 8.21 -12.41
N GLU B 166 -20.03 8.08 -11.97
CA GLU B 166 -20.89 7.03 -12.45
C GLU B 166 -21.15 7.17 -13.95
N ALA B 167 -21.49 8.39 -14.36
CA ALA B 167 -21.73 8.69 -15.76
C ALA B 167 -20.51 8.37 -16.61
N LEU B 168 -19.33 8.69 -16.09
CA LEU B 168 -18.10 8.38 -16.79
C LEU B 168 -17.82 6.87 -16.93
N LEU B 169 -18.06 6.10 -15.87
CA LEU B 169 -17.82 4.67 -15.93
C LEU B 169 -18.76 4.02 -16.93
N SER B 170 -20.01 4.48 -16.92
CA SER B 170 -21.03 4.00 -17.85
C SER B 170 -20.67 4.22 -19.32
N ALA B 171 -19.72 5.10 -19.58
CA ALA B 171 -19.39 5.45 -20.96
C ALA B 171 -18.26 4.56 -21.46
N THR B 172 -17.65 3.82 -20.54
CA THR B 172 -16.56 2.90 -20.89
C THR B 172 -17.10 1.52 -21.24
N PRO B 173 -16.32 0.74 -22.01
CA PRO B 173 -16.68 -0.65 -22.27
C PRO B 173 -16.65 -1.51 -21.00
N PRO B 174 -17.74 -2.24 -20.71
CA PRO B 174 -17.80 -3.15 -19.57
C PRO B 174 -16.70 -4.22 -19.61
N SER B 175 -16.20 -4.48 -20.82
CA SER B 175 -15.04 -5.35 -21.02
C SER B 175 -13.75 -4.90 -20.27
N ARG B 176 -13.73 -3.66 -19.78
CA ARG B 176 -12.57 -3.05 -19.11
C ARG B 176 -12.07 -3.69 -17.79
N GLN B 177 -10.80 -3.45 -17.49
CA GLN B 177 -10.25 -3.67 -16.15
C GLN B 177 -10.43 -2.39 -15.33
N THR B 178 -10.92 -2.53 -14.10
CA THR B 178 -11.17 -1.43 -13.20
C THR B 178 -10.40 -1.58 -11.91
N LEU B 179 -9.61 -0.57 -11.55
CA LEU B 179 -8.88 -0.57 -10.29
C LEU B 179 -9.38 0.60 -9.44
N LEU B 180 -9.83 0.30 -8.23
CA LEU B 180 -10.35 1.33 -7.34
C LEU B 180 -9.41 1.50 -6.14
N PHE B 181 -9.03 2.73 -5.83
CA PHE B 181 -8.26 2.99 -4.61
C PHE B 181 -9.01 3.96 -3.75
N SER B 182 -8.97 3.72 -2.46
CA SER B 182 -9.70 4.53 -1.51
C SER B 182 -9.27 4.06 -0.13
N ALA B 183 -8.74 4.95 0.68
CA ALA B 183 -8.34 4.57 2.05
C ALA B 183 -9.53 4.03 2.86
N THR B 184 -10.71 4.59 2.62
CA THR B 184 -11.94 4.20 3.29
C THR B 184 -12.98 3.70 2.27
N LEU B 185 -13.91 2.86 2.71
CA LEU B 185 -14.92 2.33 1.80
C LEU B 185 -16.35 2.64 2.22
N PRO B 186 -16.78 3.91 2.05
CA PRO B 186 -18.18 4.27 2.28
C PRO B 186 -19.13 3.45 1.39
N SER B 187 -20.42 3.43 1.73
CA SER B 187 -21.36 2.55 1.06
C SER B 187 -21.39 2.77 -0.46
N TRP B 188 -21.21 4.02 -0.89
CA TRP B 188 -21.19 4.36 -2.33
C TRP B 188 -20.04 3.69 -3.08
N ALA B 189 -18.88 3.57 -2.43
CA ALA B 189 -17.74 2.88 -3.01
C ALA B 189 -18.05 1.40 -3.15
N LYS B 190 -18.80 0.87 -2.20
CA LYS B 190 -19.21 -0.54 -2.24
C LYS B 190 -20.19 -0.78 -3.37
N ARG B 191 -21.13 0.14 -3.54
CA ARG B 191 -22.07 0.10 -4.65
C ARG B 191 -21.34 0.16 -5.99
N LEU B 192 -20.26 0.94 -6.01
CA LEU B 192 -19.41 1.02 -7.19
C LEU B 192 -18.78 -0.33 -7.51
N ALA B 193 -18.31 -1.01 -6.49
CA ALA B 193 -17.62 -2.28 -6.67
C ALA B 193 -18.56 -3.34 -7.25
N GLU B 194 -19.77 -3.40 -6.71
CA GLU B 194 -20.75 -4.39 -7.19
C GLU B 194 -21.21 -4.07 -8.61
N ARG B 195 -21.32 -2.78 -8.92
CA ARG B 195 -21.94 -2.35 -10.17
C ARG B 195 -20.98 -2.20 -11.35
N TYR B 196 -19.76 -1.72 -11.09
CA TYR B 196 -18.82 -1.45 -12.19
C TYR B 196 -17.55 -2.30 -12.18
N MET B 197 -17.49 -3.29 -11.30
CA MET B 197 -16.29 -4.11 -11.17
C MET B 197 -16.63 -5.59 -11.13
N LYS B 198 -15.71 -6.41 -11.59
CA LYS B 198 -15.97 -7.84 -11.71
C LYS B 198 -15.17 -8.64 -10.68
N ASN B 199 -15.78 -8.93 -9.53
CA ASN B 199 -15.15 -9.71 -8.44
C ASN B 199 -13.75 -9.24 -8.01
N PRO B 200 -13.69 -8.01 -7.52
CA PRO B 200 -12.38 -7.44 -7.22
C PRO B 200 -11.78 -8.03 -5.95
N VAL B 201 -10.56 -8.54 -6.05
CA VAL B 201 -9.78 -8.86 -4.86
C VAL B 201 -9.53 -7.57 -4.09
N LEU B 202 -9.76 -7.61 -2.78
CA LEU B 202 -9.49 -6.47 -1.89
C LEU B 202 -8.15 -6.60 -1.16
N ILE B 203 -7.42 -5.49 -1.09
CA ILE B 203 -6.11 -5.47 -0.49
C ILE B 203 -6.02 -4.24 0.36
N ASN B 204 -5.69 -4.42 1.64
CA ASN B 204 -5.82 -3.36 2.64
C ASN B 204 -4.55 -3.23 3.48
N VAL B 205 -3.82 -2.12 3.30
CA VAL B 205 -2.55 -1.91 4.00
C VAL B 205 -2.67 -0.83 5.08
N ILE B 206 -3.87 -0.29 5.23
CA ILE B 206 -4.13 0.76 6.20
C ILE B 206 -3.62 0.44 7.61
N LYS B 207 -2.61 1.17 8.07
CA LYS B 207 -2.10 1.01 9.44
C LYS B 207 -2.98 1.74 10.47
N ASP B 208 -3.25 1.07 11.57
CA ASP B 208 -4.16 1.63 12.57
C ASP B 208 -3.39 2.25 13.74
N GLU B 209 -2.88 3.45 13.52
CA GLU B 209 -2.08 4.14 14.50
C GLU B 209 -2.62 5.55 14.70
N PRO B 210 -2.71 5.99 15.96
CA PRO B 210 -3.14 7.35 16.34
C PRO B 210 -2.10 8.38 15.90
N VAL B 211 -2.52 9.62 15.65
CA VAL B 211 -1.57 10.67 15.25
C VAL B 211 -0.62 11.07 16.38
N THR B 212 0.65 11.19 16.04
CA THR B 212 1.68 11.49 17.03
C THR B 212 2.07 12.97 17.03
N TYR B 213 1.21 13.81 16.47
CA TYR B 213 1.50 15.23 16.37
C TYR B 213 0.34 16.11 16.82
N GLU B 214 0.69 17.25 17.40
CA GLU B 214 -0.28 18.28 17.77
C GLU B 214 -0.43 19.32 16.64
N GLU B 215 -1.61 19.91 16.52
CA GLU B 215 -1.96 20.74 15.38
C GLU B 215 -2.52 22.09 15.79
N GLU B 216 -2.06 23.15 15.14
CA GLU B 216 -2.63 24.48 15.37
C GLU B 216 -2.88 25.26 14.09
N ALA B 217 -3.72 26.28 14.19
CA ALA B 217 -3.98 27.17 13.06
C ALA B 217 -3.52 28.57 13.45
N VAL B 218 -2.60 29.11 12.67
CA VAL B 218 -2.10 30.44 12.96
C VAL B 218 -2.59 31.39 11.88
N PRO B 219 -3.27 32.46 12.32
CA PRO B 219 -3.76 33.51 11.42
C PRO B 219 -2.59 34.23 10.75
N ALA B 220 -2.61 34.38 9.44
CA ALA B 220 -1.59 35.17 8.77
C ALA B 220 -2.17 36.24 7.88
N PRO B 221 -1.95 37.52 8.24
CA PRO B 221 -2.35 38.71 7.49
C PRO B 221 -1.91 38.67 6.02
N VAL B 222 -2.41 39.61 5.23
CA VAL B 222 -2.15 39.61 3.80
C VAL B 222 -0.75 40.16 3.45
N ARG B 223 0.02 39.34 2.72
CA ARG B 223 1.40 39.64 2.31
C ARG B 223 2.38 39.68 3.50
N GLY B 224 1.88 39.33 4.68
CA GLY B 224 2.73 39.18 5.85
C GLY B 224 2.94 37.72 6.25
N ARG B 225 2.76 36.81 5.30
CA ARG B 225 2.88 35.37 5.58
C ARG B 225 4.33 34.96 5.82
N LEU B 226 5.26 35.58 5.10
CA LEU B 226 6.66 35.18 5.20
C LEU B 226 7.25 35.59 6.55
N GLU B 227 6.88 36.79 7.00
CA GLU B 227 7.39 37.33 8.25
C GLU B 227 6.80 36.56 9.43
N VAL B 228 5.57 36.11 9.27
CA VAL B 228 4.94 35.20 10.23
C VAL B 228 5.67 33.84 10.30
N LEU B 229 5.92 33.24 9.13
CA LEU B 229 6.67 32.00 9.05
C LEU B 229 8.07 32.12 9.65
N SER B 230 8.71 33.26 9.43
CA SER B 230 10.05 33.51 10.00
C SER B 230 10.03 33.57 11.53
N ASP B 231 9.03 34.26 12.08
CA ASP B 231 8.90 34.37 13.52
C ASP B 231 8.58 33.00 14.13
N LEU B 232 7.79 32.22 13.40
CA LEU B 232 7.39 30.90 13.86
C LEU B 232 8.60 29.94 13.94
N LEU B 233 9.46 30.00 12.94
CA LEU B 233 10.64 29.14 12.89
C LEU B 233 11.64 29.49 14.00
N TYR B 234 11.73 30.78 14.30
CA TYR B 234 12.66 31.24 15.33
C TYR B 234 12.19 30.83 16.72
N VAL B 235 10.88 30.93 16.95
CA VAL B 235 10.31 30.54 18.23
C VAL B 235 10.26 29.01 18.42
N ALA B 236 9.82 28.27 17.40
CA ALA B 236 9.70 26.82 17.48
C ALA B 236 11.07 26.20 17.66
N SER B 237 12.04 26.79 16.96
CA SER B 237 13.42 26.32 16.96
C SER B 237 13.55 24.82 16.66
N PRO B 238 12.98 24.38 15.52
CA PRO B 238 13.03 22.95 15.24
C PRO B 238 14.41 22.54 14.71
N ASP B 239 14.82 21.29 14.94
CA ASP B 239 16.08 20.83 14.37
C ASP B 239 15.93 20.69 12.87
N ARG B 240 14.73 20.26 12.45
CA ARG B 240 14.38 20.16 11.04
C ARG B 240 12.92 20.57 10.86
N ALA B 241 12.66 21.36 9.83
CA ALA B 241 11.28 21.68 9.51
C ALA B 241 11.02 21.51 8.00
N MET B 242 9.75 21.37 7.65
CA MET B 242 9.33 21.32 6.26
C MET B 242 8.19 22.29 6.10
N VAL B 243 8.29 23.14 5.08
CA VAL B 243 7.25 24.13 4.80
C VAL B 243 6.65 23.82 3.44
N PHE B 244 5.38 23.50 3.42
CA PHE B 244 4.71 23.09 2.17
C PHE B 244 3.95 24.24 1.53
N THR B 245 4.19 24.47 0.23
CA THR B 245 3.44 25.48 -0.47
C THR B 245 2.82 24.93 -1.76
N ARG B 246 2.18 25.81 -2.53
CA ARG B 246 1.36 25.35 -3.66
C ARG B 246 2.06 25.33 -5.03
N THR B 247 3.03 26.21 -5.24
CA THR B 247 3.71 26.27 -6.55
C THR B 247 5.24 26.24 -6.45
N LYS B 248 5.90 25.95 -7.57
CA LYS B 248 7.36 25.86 -7.59
C LYS B 248 8.02 27.22 -7.36
N ALA B 249 7.52 28.24 -8.06
CA ALA B 249 8.02 29.60 -7.91
C ALA B 249 7.95 30.00 -6.45
N GLU B 250 6.80 29.73 -5.83
CA GLU B 250 6.58 30.09 -4.44
C GLU B 250 7.58 29.44 -3.47
N THR B 251 7.97 28.19 -3.72
CA THR B 251 8.99 27.55 -2.88
C THR B 251 10.29 28.31 -3.02
N GLU B 252 10.54 28.80 -4.22
CA GLU B 252 11.79 29.46 -4.53
C GLU B 252 11.85 30.81 -3.83
N GLU B 253 10.75 31.56 -3.96
CA GLU B 253 10.64 32.86 -3.36
C GLU B 253 10.65 32.76 -1.83
N ILE B 254 9.98 31.75 -1.28
CA ILE B 254 9.95 31.55 0.17
C ILE B 254 11.31 31.15 0.76
N ALA B 255 11.95 30.15 0.17
CA ALA B 255 13.28 29.74 0.61
C ALA B 255 14.24 30.93 0.55
N GLN B 256 14.00 31.81 -0.41
CA GLN B 256 14.83 33.01 -0.61
C GLN B 256 14.69 34.04 0.50
N GLY B 257 13.45 34.43 0.77
CA GLY B 257 13.14 35.35 1.85
C GLY B 257 13.51 34.80 3.22
N LEU B 258 13.31 33.50 3.42
CA LEU B 258 13.73 32.83 4.67
C LEU B 258 15.24 32.98 4.91
N LEU B 259 16.00 32.84 3.83
CA LEU B 259 17.46 33.04 3.87
C LEU B 259 17.84 34.49 4.19
N ARG B 260 17.10 35.43 3.59
CA ARG B 260 17.34 36.86 3.78
C ARG B 260 17.04 37.23 5.23
N LEU B 261 16.19 36.43 5.87
CA LEU B 261 15.85 36.67 7.27
C LEU B 261 16.73 35.87 8.24
N GLY B 262 17.50 34.91 7.72
CA GLY B 262 18.49 34.21 8.52
C GLY B 262 18.39 32.70 8.61
N HIS B 263 17.31 32.11 8.11
CA HIS B 263 17.11 30.67 8.24
C HIS B 263 17.87 29.87 7.18
N PRO B 264 18.41 28.70 7.54
CA PRO B 264 19.02 27.80 6.56
C PRO B 264 17.98 27.03 5.72
N ALA B 265 17.26 27.77 4.87
CA ALA B 265 16.18 27.20 4.09
C ALA B 265 16.63 26.89 2.66
N GLN B 266 15.89 26.00 1.99
CA GLN B 266 16.17 25.67 0.60
C GLN B 266 14.95 25.01 -0.08
N ALA B 267 14.73 25.33 -1.35
CA ALA B 267 13.54 24.89 -2.05
C ALA B 267 13.67 23.49 -2.63
N LEU B 268 12.51 22.85 -2.83
CA LEU B 268 12.43 21.49 -3.37
C LEU B 268 11.17 21.29 -4.21
N HIS B 269 11.31 21.47 -5.52
CA HIS B 269 10.18 21.42 -6.44
C HIS B 269 10.41 20.42 -7.57
N GLY B 270 9.49 20.37 -8.53
CA GLY B 270 9.75 19.71 -9.80
C GLY B 270 10.82 20.51 -10.53
N ASP B 271 11.03 20.26 -11.82
CA ASP B 271 12.05 21.01 -12.58
C ASP B 271 13.41 21.00 -11.86
N LEU B 272 13.75 19.88 -11.24
CA LEU B 272 14.94 19.78 -10.43
C LEU B 272 15.70 18.51 -10.81
N SER B 273 16.91 18.66 -11.33
CA SER B 273 17.73 17.52 -11.74
C SER B 273 17.78 16.45 -10.65
N GLN B 274 17.69 15.19 -11.06
CA GLN B 274 17.78 14.06 -10.14
C GLN B 274 19.03 14.23 -9.29
N GLY B 275 20.08 14.77 -9.89
CA GLY B 275 21.26 15.16 -9.14
C GLY B 275 20.95 16.27 -8.15
N GLU B 276 20.35 17.36 -8.64
CA GLU B 276 20.05 18.53 -7.83
C GLU B 276 19.13 18.20 -6.65
N ARG B 277 18.12 17.39 -6.93
CA ARG B 277 17.18 16.94 -5.91
C ARG B 277 17.94 16.20 -4.81
N GLU B 278 18.83 15.30 -5.21
CA GLU B 278 19.65 14.53 -4.26
C GLU B 278 20.53 15.44 -3.40
N ARG B 279 21.14 16.43 -4.03
CA ARG B 279 22.04 17.37 -3.36
C ARG B 279 21.35 18.13 -2.21
N VAL B 280 20.10 18.53 -2.44
CA VAL B 280 19.35 19.21 -1.40
C VAL B 280 19.17 18.28 -0.21
N LEU B 281 18.66 17.08 -0.46
CA LEU B 281 18.33 16.12 0.60
C LEU B 281 19.53 15.66 1.41
N GLY B 282 20.64 15.44 0.73
CA GLY B 282 21.87 15.04 1.40
C GLY B 282 22.31 16.10 2.39
N ALA B 283 22.00 17.35 2.08
CA ALA B 283 22.36 18.46 2.95
C ALA B 283 21.30 18.68 4.03
N PHE B 284 20.07 18.22 3.79
CA PHE B 284 19.03 18.35 4.80
C PHE B 284 19.35 17.38 5.94
N ARG B 285 19.96 16.26 5.60
CA ARG B 285 20.32 15.27 6.61
C ARG B 285 21.52 15.68 7.46
N GLN B 286 22.42 16.50 6.90
CA GLN B 286 23.60 16.96 7.63
C GLN B 286 23.25 17.96 8.72
N GLY B 287 22.25 18.80 8.45
CA GLY B 287 21.91 19.90 9.33
C GLY B 287 22.40 21.20 8.71
N GLU B 288 22.94 21.08 7.49
CA GLU B 288 23.36 22.24 6.70
C GLU B 288 22.13 22.98 6.21
N VAL B 289 21.14 22.22 5.77
CA VAL B 289 19.82 22.79 5.52
C VAL B 289 18.93 22.31 6.65
N ARG B 290 18.20 23.22 7.28
CA ARG B 290 17.34 22.83 8.39
C ARG B 290 15.86 23.17 8.14
N VAL B 291 15.60 24.07 7.19
CA VAL B 291 14.24 24.30 6.70
C VAL B 291 14.12 23.86 5.25
N LEU B 292 13.17 22.97 4.98
CA LEU B 292 12.96 22.47 3.62
C LEU B 292 11.64 23.01 3.08
N VAL B 293 11.71 23.70 1.94
CA VAL B 293 10.51 24.31 1.34
C VAL B 293 10.08 23.59 0.07
N ALA B 294 8.96 22.86 0.15
CA ALA B 294 8.62 21.91 -0.90
C ALA B 294 7.17 22.00 -1.39
N THR B 295 6.96 21.59 -2.64
CA THR B 295 5.61 21.29 -3.13
C THR B 295 5.31 19.81 -2.89
N ASP B 296 4.03 19.46 -2.83
CA ASP B 296 3.60 18.06 -2.70
C ASP B 296 4.21 17.13 -3.74
N VAL B 297 4.30 17.59 -4.98
CA VAL B 297 4.86 16.77 -6.05
C VAL B 297 6.27 16.32 -5.71
N ALA B 298 7.12 17.26 -5.31
CA ALA B 298 8.53 16.97 -5.08
C ALA B 298 8.79 16.24 -3.75
N ALA B 299 7.76 16.19 -2.91
CA ALA B 299 7.86 15.49 -1.65
C ALA B 299 7.26 14.10 -1.77
N ARG B 300 7.73 13.33 -2.75
CA ARG B 300 7.20 11.99 -2.98
C ARG B 300 8.24 10.88 -2.78
N GLY B 301 9.52 11.25 -2.79
CA GLY B 301 10.60 10.31 -2.53
C GLY B 301 10.50 9.62 -1.17
N LEU B 302 9.85 10.28 -0.22
CA LEU B 302 9.52 9.68 1.09
C LEU B 302 10.72 9.33 1.97
N ASP B 303 11.92 9.82 1.64
CA ASP B 303 13.10 9.43 2.41
C ASP B 303 13.93 10.54 3.03
N ILE B 304 13.47 10.98 4.19
CA ILE B 304 14.20 11.83 5.12
C ILE B 304 13.76 11.35 6.49
N PRO B 305 14.46 11.74 7.55
CA PRO B 305 13.91 11.32 8.84
C PRO B 305 12.68 12.17 9.22
N GLN B 306 12.08 11.85 10.36
CA GLN B 306 10.96 12.63 10.87
C GLN B 306 11.45 14.03 11.23
N VAL B 307 10.78 15.04 10.71
CA VAL B 307 11.12 16.43 11.05
C VAL B 307 10.38 16.79 12.34
N ASP B 308 10.78 17.90 12.96
CA ASP B 308 10.17 18.33 14.21
C ASP B 308 8.99 19.27 14.01
N LEU B 309 8.88 19.82 12.80
CA LEU B 309 7.86 20.83 12.52
C LEU B 309 7.43 20.78 11.05
N VAL B 310 6.12 20.76 10.83
CA VAL B 310 5.57 20.94 9.48
C VAL B 310 4.66 22.17 9.42
N VAL B 311 4.95 23.07 8.48
CA VAL B 311 4.08 24.22 8.26
C VAL B 311 3.35 24.10 6.91
N HIS B 312 2.03 24.29 6.96
CA HIS B 312 1.24 24.37 5.74
C HIS B 312 1.12 25.87 5.34
N TYR B 313 2.12 26.35 4.60
CA TYR B 313 2.16 27.73 4.15
C TYR B 313 0.86 28.07 3.44
N ARG B 314 0.39 27.10 2.66
CA ARG B 314 -0.92 27.17 2.03
C ARG B 314 -1.69 25.92 2.42
N LEU B 315 -3.01 26.07 2.52
CA LEU B 315 -3.89 24.95 2.77
C LEU B 315 -3.71 23.89 1.70
N PRO B 316 -3.62 22.62 2.12
CA PRO B 316 -3.56 21.51 1.17
C PRO B 316 -4.86 21.39 0.37
N ASP B 317 -4.82 20.68 -0.77
CA ASP B 317 -5.98 20.56 -1.64
C ASP B 317 -7.06 19.60 -1.18
N ARG B 318 -6.71 18.71 -0.24
CA ARG B 318 -7.65 17.70 0.27
C ARG B 318 -7.05 17.04 1.51
N ALA B 319 -7.88 16.27 2.21
CA ALA B 319 -7.47 15.67 3.47
C ALA B 319 -6.33 14.67 3.29
N GLU B 320 -6.36 13.91 2.19
CA GLU B 320 -5.28 12.99 1.86
C GLU B 320 -3.93 13.71 1.82
N ALA B 321 -3.94 14.93 1.30
CA ALA B 321 -2.72 15.70 1.21
C ALA B 321 -2.32 16.26 2.59
N TYR B 322 -3.32 16.63 3.39
CA TYR B 322 -3.04 17.14 4.72
C TYR B 322 -2.38 16.04 5.57
N GLN B 323 -2.85 14.81 5.45
CA GLN B 323 -2.30 13.71 6.21
C GLN B 323 -0.92 13.32 5.72
N HIS B 324 -0.72 13.25 4.40
CA HIS B 324 0.59 12.94 3.87
C HIS B 324 1.67 13.94 4.31
N ARG B 325 1.35 15.24 4.25
CA ARG B 325 2.26 16.30 4.67
C ARG B 325 2.57 16.20 6.16
N SER B 326 1.52 16.19 6.97
CA SER B 326 1.65 16.27 8.41
C SER B 326 2.33 15.03 8.98
N GLY B 327 2.17 13.92 8.29
CA GLY B 327 2.78 12.66 8.71
C GLY B 327 4.30 12.69 8.76
N ARG B 328 4.88 13.75 8.20
CA ARG B 328 6.33 13.85 8.16
C ARG B 328 6.94 14.30 9.49
N THR B 329 6.09 14.69 10.43
CA THR B 329 6.54 14.98 11.79
C THR B 329 5.94 13.98 12.80
N GLY B 330 6.70 13.69 13.86
CA GLY B 330 6.15 12.86 14.92
C GLY B 330 6.72 11.46 15.01
N ARG B 331 7.31 11.17 16.16
CA ARG B 331 7.86 9.86 16.45
C ARG B 331 7.08 9.24 17.60
N ALA B 332 7.54 8.11 18.09
CA ALA B 332 6.91 7.48 19.24
C ALA B 332 7.35 8.17 20.54
N GLY B 333 8.61 8.61 20.57
CA GLY B 333 9.16 9.27 21.73
C GLY B 333 8.90 10.77 21.72
N ARG B 334 9.32 11.42 20.63
CA ARG B 334 9.05 12.84 20.45
C ARG B 334 7.88 13.05 19.47
N GLY B 335 6.72 13.41 20.01
CA GLY B 335 5.61 13.83 19.18
C GLY B 335 5.97 15.11 18.43
N GLY B 336 5.37 15.30 17.27
CA GLY B 336 5.74 16.45 16.46
C GLY B 336 4.75 17.59 16.50
N ARG B 337 4.94 18.56 15.62
CA ARG B 337 4.04 19.71 15.53
C ARG B 337 3.73 20.13 14.08
N VAL B 338 2.45 20.37 13.84
CA VAL B 338 1.96 20.78 12.54
C VAL B 338 1.30 22.15 12.71
N VAL B 339 1.65 23.08 11.83
CA VAL B 339 1.05 24.41 11.83
C VAL B 339 0.43 24.75 10.46
N LEU B 340 -0.83 25.20 10.48
CA LEU B 340 -1.50 25.68 9.29
C LEU B 340 -1.65 27.20 9.31
N LEU B 341 -1.07 27.88 8.31
CA LEU B 341 -1.27 29.33 8.17
C LEU B 341 -2.58 29.58 7.42
N TYR B 342 -3.36 30.56 7.88
CA TYR B 342 -4.61 30.89 7.20
C TYR B 342 -4.94 32.38 7.29
N GLY B 343 -5.48 32.93 6.21
CA GLY B 343 -5.83 34.33 6.17
C GLY B 343 -7.25 34.66 6.62
N PRO B 344 -7.61 35.95 6.58
CA PRO B 344 -8.88 36.49 7.10
C PRO B 344 -10.15 35.82 6.54
N ARG B 345 -10.16 35.49 5.25
CA ARG B 345 -11.34 34.90 4.65
C ARG B 345 -11.22 33.40 4.41
N GLU B 346 -10.22 32.76 5.04
CA GLU B 346 -10.05 31.31 4.94
C GLU B 346 -10.48 30.56 6.20
N ARG B 347 -11.15 31.26 7.12
CA ARG B 347 -11.71 30.62 8.32
C ARG B 347 -12.59 29.44 7.91
N ARG B 348 -13.29 29.58 6.79
CA ARG B 348 -14.23 28.57 6.36
C ARG B 348 -13.52 27.35 5.78
N ASP B 349 -12.37 27.57 5.14
CA ASP B 349 -11.60 26.45 4.60
C ASP B 349 -10.89 25.66 5.70
N VAL B 350 -10.57 26.32 6.80
CA VAL B 350 -9.91 25.62 7.91
C VAL B 350 -10.90 24.75 8.62
N GLU B 351 -12.11 25.27 8.82
CA GLU B 351 -13.15 24.56 9.54
C GLU B 351 -13.55 23.32 8.76
N ALA B 352 -13.64 23.45 7.44
CA ALA B 352 -13.95 22.33 6.56
C ALA B 352 -12.89 21.21 6.64
N LEU B 353 -11.62 21.60 6.53
CA LEU B 353 -10.52 20.65 6.60
C LEU B 353 -10.45 19.94 7.95
N GLU B 354 -10.99 20.57 8.98
CA GLU B 354 -11.13 19.94 10.30
C GLU B 354 -12.20 18.83 10.29
N ARG B 355 -13.27 19.07 9.54
CA ARG B 355 -14.33 18.09 9.38
C ARG B 355 -13.78 16.87 8.66
N ALA B 356 -12.97 17.10 7.64
CA ALA B 356 -12.40 16.00 6.87
C ALA B 356 -11.58 15.04 7.73
N VAL B 357 -10.74 15.58 8.61
CA VAL B 357 -9.88 14.72 9.43
C VAL B 357 -10.53 14.37 10.76
N GLY B 358 -11.72 14.89 11.00
CA GLY B 358 -12.46 14.56 12.21
C GLY B 358 -11.77 15.00 13.49
N ARG B 359 -10.92 16.02 13.36
CA ARG B 359 -10.15 16.53 14.48
C ARG B 359 -10.20 18.06 14.46
N ARG B 360 -9.80 18.69 15.56
CA ARG B 360 -9.97 20.12 15.72
C ARG B 360 -8.62 20.79 16.01
N PHE B 361 -8.21 21.71 15.14
CA PHE B 361 -6.93 22.43 15.28
C PHE B 361 -7.02 23.51 16.34
N LYS B 362 -6.03 23.55 17.22
CA LYS B 362 -5.92 24.58 18.24
C LYS B 362 -5.82 25.96 17.59
N ARG B 363 -6.70 26.87 17.98
CA ARG B 363 -6.63 28.25 17.50
C ARG B 363 -5.57 29.04 18.24
N VAL B 364 -4.60 29.57 17.50
CA VAL B 364 -3.56 30.41 18.07
C VAL B 364 -3.80 31.84 17.61
N ASN B 365 -3.37 32.83 18.40
CA ASN B 365 -3.32 34.19 17.89
C ASN B 365 -1.88 34.67 17.71
S SO4 C . -7.02 -25.30 -0.20
O1 SO4 C . -5.65 -24.82 -0.01
O2 SO4 C . -7.96 -24.64 0.72
O3 SO4 C . -7.41 -25.05 -1.58
O4 SO4 C . -7.03 -26.75 0.00
S SO4 D . 4.62 -12.16 22.07
O1 SO4 D . 5.69 -11.23 22.38
O2 SO4 D . 3.64 -12.20 23.15
O3 SO4 D . 3.94 -11.73 20.84
O4 SO4 D . 5.26 -13.46 21.85
S SO4 E . 1.60 7.72 -3.62
O1 SO4 E . 2.94 7.72 -2.99
O2 SO4 E . 0.72 6.78 -2.94
O3 SO4 E . 0.93 9.00 -3.52
O4 SO4 E . 1.80 7.33 -5.01
S SO4 F . -13.63 26.07 -13.43
O1 SO4 F . -12.34 26.08 -14.11
O2 SO4 F . -13.41 25.88 -11.98
O3 SO4 F . -14.33 27.35 -13.61
O4 SO4 F . -14.41 24.98 -14.03
S SO4 G . -13.76 20.04 -12.42
O1 SO4 G . -12.55 20.54 -11.77
O2 SO4 G . -14.87 19.99 -11.47
O3 SO4 G . -14.18 20.91 -13.53
O4 SO4 G . -13.51 18.68 -12.91
S SO4 H . -0.41 36.47 1.65
O1 SO4 H . 1.00 36.11 1.50
O2 SO4 H . -0.72 36.59 3.07
O3 SO4 H . -0.68 37.74 0.99
O4 SO4 H . -1.28 35.46 1.03
#